data_1KZC
#
_entry.id   1KZC
#
_cell.length_a   60.800
_cell.length_b   75.210
_cell.length_c   57.400
_cell.angle_alpha   90.00
_cell.angle_beta   90.00
_cell.angle_gamma   90.00
#
_symmetry.space_group_name_H-M   'P 21 21 21'
#
loop_
_entity.id
_entity.type
_entity.pdbx_description
1 polymer 'MANNOSE-BINDING PROTEIN C'
2 non-polymer alpha-D-mannopyranose
3 non-polymer 'CALCIUM ION'
4 non-polymer 'CHLORIDE ION'
5 water water
#
_entity_poly.entity_id   1
_entity_poly.type   'polypeptide(L)'
_entity_poly.pdbx_seq_one_letter_code
;NVGKKYFMSSVRRMPLNRAKALCSELQGTVATPRNAEENRAIQNVAKDVAFLGITDQRTENVFEDLTGNRVRYTNWNEGE
PNNVGSGENCVVLLTNGKWNDVPCSDSFLVVCEFS
;
_entity_poly.pdbx_strand_id   1,2
#
loop_
_chem_comp.id
_chem_comp.type
_chem_comp.name
_chem_comp.formula
CA non-polymer 'CALCIUM ION' 'Ca 2'
CL non-polymer 'CHLORIDE ION' 'Cl -1'
MAN D-saccharide, alpha linking alpha-D-mannopyranose 'C6 H12 O6'
#
# COMPACT_ATOMS: atom_id res chain seq x y z
N LYS A 5 -0.98 3.13 -14.22
CA LYS A 5 -1.18 2.19 -13.07
C LYS A 5 0.16 1.74 -12.49
N TYR A 6 0.21 1.60 -11.17
CA TYR A 6 1.40 1.15 -10.47
C TYR A 6 0.98 -0.10 -9.72
N PHE A 7 1.85 -1.12 -9.73
CA PHE A 7 1.56 -2.38 -9.05
C PHE A 7 2.55 -2.68 -7.91
N MET A 8 2.00 -3.08 -6.76
CA MET A 8 2.80 -3.43 -5.59
C MET A 8 2.29 -4.77 -5.05
N SER A 9 3.22 -5.64 -4.65
CA SER A 9 2.85 -6.95 -4.12
C SER A 9 3.03 -6.99 -2.61
N SER A 10 2.20 -7.80 -1.93
CA SER A 10 2.31 -7.94 -0.48
C SER A 10 3.41 -8.96 -0.20
N VAL A 11 3.83 -9.04 1.05
CA VAL A 11 4.86 -10.01 1.44
C VAL A 11 4.24 -11.23 2.10
N ARG A 12 3.12 -11.03 2.78
CA ARG A 12 2.45 -12.14 3.46
C ARG A 12 1.18 -12.53 2.71
N ARG A 13 0.69 -13.75 2.98
CA ARG A 13 -0.51 -14.25 2.33
C ARG A 13 -1.74 -13.98 3.18
N MET A 14 -2.88 -13.84 2.53
CA MET A 14 -4.14 -13.55 3.21
C MET A 14 -5.32 -13.82 2.28
N PRO A 15 -6.52 -14.02 2.85
CA PRO A 15 -7.73 -14.27 2.05
C PRO A 15 -8.10 -13.01 1.29
N LEU A 16 -9.01 -13.13 0.32
CA LEU A 16 -9.42 -11.97 -0.48
C LEU A 16 -9.98 -10.79 0.32
N ASN A 17 -10.81 -11.07 1.32
CA ASN A 17 -11.39 -9.99 2.13
C ASN A 17 -10.29 -9.12 2.72
N ARG A 18 -9.28 -9.76 3.29
CA ARG A 18 -8.16 -9.03 3.88
C ARG A 18 -7.31 -8.37 2.79
N ALA A 19 -7.19 -9.02 1.64
CA ALA A 19 -6.42 -8.47 0.51
C ALA A 19 -7.07 -7.16 0.06
N LYS A 20 -8.39 -7.21 -0.11
CA LYS A 20 -9.15 -6.04 -0.53
C LYS A 20 -8.96 -4.91 0.49
N ALA A 21 -9.02 -5.25 1.77
CA ALA A 21 -8.86 -4.26 2.82
C ALA A 21 -7.48 -3.61 2.77
N LEU A 22 -6.45 -4.40 2.46
CA LEU A 22 -5.08 -3.87 2.40
C LEU A 22 -4.93 -2.86 1.27
N CYS A 23 -5.32 -3.25 0.06
CA CYS A 23 -5.19 -2.33 -1.08
C CYS A 23 -6.04 -1.07 -0.85
N SER A 24 -7.25 -1.26 -0.32
CA SER A 24 -8.16 -0.16 -0.05
C SER A 24 -7.63 0.80 1.00
N GLU A 25 -6.85 0.27 1.94
CA GLU A 25 -6.29 1.10 3.00
C GLU A 25 -5.41 2.22 2.43
N LEU A 26 -4.74 1.95 1.33
CA LEU A 26 -3.89 2.95 0.69
C LEU A 26 -4.57 3.51 -0.55
N GLN A 27 -5.89 3.40 -0.57
CA GLN A 27 -6.74 3.92 -1.63
C GLN A 27 -6.52 3.34 -3.02
N GLY A 28 -6.14 2.07 -3.07
CA GLY A 28 -5.95 1.39 -4.33
C GLY A 28 -6.95 0.25 -4.37
N THR A 29 -6.75 -0.70 -5.29
CA THR A 29 -7.64 -1.85 -5.37
C THR A 29 -6.81 -3.08 -5.72
N VAL A 30 -7.40 -4.27 -5.62
CA VAL A 30 -6.63 -5.46 -5.95
C VAL A 30 -6.42 -5.38 -7.46
N ALA A 31 -5.18 -5.65 -7.89
CA ALA A 31 -4.80 -5.57 -9.30
C ALA A 31 -5.69 -6.37 -10.25
N THR A 32 -6.06 -5.73 -11.35
CA THR A 32 -6.90 -6.32 -12.38
C THR A 32 -6.27 -6.07 -13.75
N PRO A 33 -5.59 -7.07 -14.32
CA PRO A 33 -4.98 -6.85 -15.63
C PRO A 33 -6.03 -6.72 -16.72
N ARG A 34 -5.91 -5.67 -17.54
CA ARG A 34 -6.85 -5.40 -18.61
C ARG A 34 -6.29 -5.83 -19.97
N ASN A 35 -5.02 -6.21 -19.97
CA ASN A 35 -4.36 -6.68 -21.20
C ASN A 35 -3.10 -7.45 -20.82
N ALA A 36 -2.48 -8.08 -21.81
CA ALA A 36 -1.30 -8.90 -21.60
C ALA A 36 -0.11 -8.15 -21.01
N GLU A 37 -0.02 -6.85 -21.30
CA GLU A 37 1.10 -6.07 -20.79
C GLU A 37 0.95 -5.87 -19.28
N GLU A 38 -0.25 -5.52 -18.84
CA GLU A 38 -0.48 -5.34 -17.40
C GLU A 38 -0.35 -6.69 -16.69
N ASN A 39 -0.75 -7.77 -17.38
CA ASN A 39 -0.68 -9.10 -16.78
C ASN A 39 0.77 -9.43 -16.45
N ARG A 40 1.66 -9.14 -17.40
CA ARG A 40 3.08 -9.40 -17.22
C ARG A 40 3.68 -8.54 -16.10
N ALA A 41 3.26 -7.29 -16.04
CA ALA A 41 3.75 -6.37 -15.01
C ALA A 41 3.37 -6.87 -13.62
N ILE A 42 2.14 -7.37 -13.48
CA ILE A 42 1.65 -7.89 -12.22
C ILE A 42 2.39 -9.19 -11.85
N GLN A 43 2.63 -10.03 -12.85
CA GLN A 43 3.33 -11.29 -12.63
C GLN A 43 4.72 -11.01 -12.08
N ASN A 44 5.41 -10.06 -12.68
CA ASN A 44 6.76 -9.68 -12.28
C ASN A 44 6.87 -9.12 -10.87
N VAL A 45 5.86 -8.40 -10.43
CA VAL A 45 5.92 -7.85 -9.07
C VAL A 45 5.57 -8.92 -8.05
N ALA A 46 4.82 -9.94 -8.48
CA ALA A 46 4.45 -11.02 -7.57
C ALA A 46 5.55 -12.09 -7.55
N LYS A 47 5.96 -12.51 -6.36
CA LYS A 47 7.00 -13.54 -6.26
C LYS A 47 6.39 -14.93 -6.11
N ASP A 48 5.07 -14.98 -6.03
CA ASP A 48 4.36 -16.24 -5.86
C ASP A 48 2.92 -16.02 -6.32
N VAL A 49 2.11 -17.08 -6.25
CA VAL A 49 0.70 -17.00 -6.64
C VAL A 49 0.03 -15.87 -5.86
N ALA A 50 -0.68 -14.98 -6.57
CA ALA A 50 -1.32 -13.84 -5.93
C ALA A 50 -2.72 -13.52 -6.46
N PHE A 51 -3.56 -12.99 -5.58
CA PHE A 51 -4.94 -12.62 -5.92
C PHE A 51 -5.02 -11.48 -6.93
N LEU A 52 -6.05 -11.53 -7.77
CA LEU A 52 -6.35 -10.49 -8.74
C LEU A 52 -7.71 -9.94 -8.32
N GLY A 53 -8.04 -8.72 -8.76
CA GLY A 53 -9.31 -8.12 -8.40
C GLY A 53 -10.43 -8.57 -9.31
N ILE A 54 -10.63 -9.89 -9.39
CA ILE A 54 -11.65 -10.47 -10.24
C ILE A 54 -12.39 -11.60 -9.52
N THR A 55 -13.71 -11.65 -9.67
CA THR A 55 -14.49 -12.71 -9.02
C THR A 55 -15.78 -13.00 -9.78
N ASP A 56 -16.35 -14.17 -9.55
CA ASP A 56 -17.63 -14.48 -10.17
C ASP A 56 -18.62 -14.76 -9.03
N GLN A 57 -18.45 -14.02 -7.95
CA GLN A 57 -19.29 -14.15 -6.76
C GLN A 57 -20.75 -13.81 -7.00
N ARG A 58 -21.00 -12.72 -7.72
CA ARG A 58 -22.38 -12.30 -8.01
C ARG A 58 -23.12 -13.28 -8.90
N THR A 59 -22.48 -13.69 -10.00
CA THR A 59 -23.07 -14.65 -10.94
C THR A 59 -22.00 -15.66 -11.37
N GLU A 60 -22.25 -16.94 -11.12
CA GLU A 60 -21.29 -18.00 -11.47
C GLU A 60 -20.89 -17.97 -12.95
N ASN A 61 -19.58 -18.10 -13.16
CA ASN A 61 -18.96 -18.09 -14.48
C ASN A 61 -19.05 -16.74 -15.20
N VAL A 62 -19.39 -15.69 -14.45
CA VAL A 62 -19.46 -14.33 -14.98
C VAL A 62 -18.43 -13.56 -14.18
N PHE A 63 -17.23 -13.42 -14.73
CA PHE A 63 -16.16 -12.73 -14.03
C PHE A 63 -16.10 -11.23 -14.23
N GLU A 64 -16.09 -10.50 -13.12
CA GLU A 64 -16.06 -9.04 -13.15
C GLU A 64 -15.06 -8.52 -12.13
N ASP A 65 -14.64 -7.26 -12.29
CA ASP A 65 -13.69 -6.70 -11.33
C ASP A 65 -14.41 -6.31 -10.04
N LEU A 66 -13.67 -5.81 -9.07
CA LEU A 66 -14.28 -5.47 -7.78
C LEU A 66 -15.25 -4.30 -7.80
N THR A 67 -15.38 -3.63 -8.95
CA THR A 67 -16.32 -2.51 -9.05
C THR A 67 -17.53 -2.90 -9.89
N GLY A 68 -17.66 -4.18 -10.19
CA GLY A 68 -18.80 -4.67 -10.95
C GLY A 68 -18.69 -4.69 -12.46
N ASN A 69 -17.55 -4.27 -12.98
CA ASN A 69 -17.34 -4.25 -14.43
C ASN A 69 -16.89 -5.61 -14.95
N ARG A 70 -17.63 -6.15 -15.90
CA ARG A 70 -17.27 -7.43 -16.46
C ARG A 70 -15.91 -7.31 -17.15
N VAL A 71 -15.02 -8.27 -16.92
CA VAL A 71 -13.71 -8.21 -17.54
C VAL A 71 -13.77 -8.72 -18.97
N ARG A 72 -12.92 -8.17 -19.83
CA ARG A 72 -12.88 -8.59 -21.23
C ARG A 72 -11.66 -9.46 -21.45
N TYR A 73 -10.47 -8.97 -21.11
CA TYR A 73 -9.25 -9.75 -21.25
C TYR A 73 -9.17 -10.78 -20.13
N THR A 74 -8.82 -12.02 -20.48
CA THR A 74 -8.65 -13.11 -19.51
C THR A 74 -7.42 -13.87 -19.94
N ASN A 75 -6.84 -14.65 -19.02
CA ASN A 75 -5.65 -15.45 -19.32
C ASN A 75 -5.69 -16.74 -18.52
N TRP A 76 -6.83 -17.42 -18.59
CA TRP A 76 -7.06 -18.67 -17.88
C TRP A 76 -6.09 -19.80 -18.18
N ASN A 77 -5.58 -20.43 -17.12
CA ASN A 77 -4.67 -21.56 -17.28
C ASN A 77 -5.50 -22.68 -17.89
N GLU A 78 -4.88 -23.53 -18.70
CA GLU A 78 -5.62 -24.63 -19.34
C GLU A 78 -6.43 -25.42 -18.30
N GLY A 79 -7.73 -25.56 -18.56
CA GLY A 79 -8.59 -26.29 -17.65
C GLY A 79 -9.35 -25.40 -16.68
N GLU A 80 -9.07 -24.10 -16.73
CA GLU A 80 -9.70 -23.14 -15.84
C GLU A 80 -10.55 -22.15 -16.64
N PRO A 81 -11.57 -21.54 -15.99
CA PRO A 81 -11.96 -21.73 -14.59
C PRO A 81 -12.84 -22.97 -14.44
N ASN A 82 -12.60 -23.76 -13.40
CA ASN A 82 -13.35 -24.99 -13.19
C ASN A 82 -14.26 -25.04 -11.97
N ASN A 83 -14.29 -23.97 -11.18
CA ASN A 83 -15.15 -23.89 -9.99
C ASN A 83 -15.21 -25.22 -9.24
N VAL A 84 -14.04 -25.80 -8.95
CA VAL A 84 -13.99 -27.10 -8.29
C VAL A 84 -14.48 -27.18 -6.85
N GLY A 85 -14.84 -28.40 -6.45
CA GLY A 85 -15.33 -28.64 -5.10
C GLY A 85 -16.60 -27.88 -4.79
N SER A 86 -16.66 -27.33 -3.58
CA SER A 86 -17.84 -26.59 -3.16
C SER A 86 -17.88 -25.22 -3.86
N GLY A 87 -16.86 -24.95 -4.67
CA GLY A 87 -16.83 -23.69 -5.40
C GLY A 87 -15.57 -22.86 -5.29
N GLU A 88 -15.27 -22.13 -6.36
CA GLU A 88 -14.12 -21.23 -6.42
C GLU A 88 -14.60 -19.98 -7.15
N ASN A 89 -14.69 -18.88 -6.42
CA ASN A 89 -15.19 -17.65 -7.00
C ASN A 89 -14.19 -16.49 -7.05
N CYS A 90 -12.96 -16.74 -6.60
CA CYS A 90 -11.94 -15.70 -6.65
C CYS A 90 -10.91 -16.13 -7.69
N VAL A 91 -9.98 -15.24 -8.00
CA VAL A 91 -8.98 -15.54 -9.01
C VAL A 91 -7.54 -15.19 -8.62
N VAL A 92 -6.62 -16.09 -8.92
CA VAL A 92 -5.21 -15.86 -8.64
C VAL A 92 -4.40 -15.94 -9.93
N LEU A 93 -3.28 -15.23 -9.93
CA LEU A 93 -2.35 -15.24 -11.04
C LEU A 93 -1.23 -16.21 -10.63
N LEU A 94 -1.06 -17.27 -11.42
CA LEU A 94 -0.03 -18.27 -11.16
C LEU A 94 1.37 -17.72 -11.50
N THR A 95 2.42 -18.45 -11.11
CA THR A 95 3.77 -17.98 -11.39
C THR A 95 4.17 -17.99 -12.88
N ASN A 96 3.34 -18.56 -13.73
CA ASN A 96 3.62 -18.54 -15.16
C ASN A 96 2.71 -17.50 -15.82
N GLY A 97 2.03 -16.70 -15.00
CA GLY A 97 1.17 -15.65 -15.51
C GLY A 97 -0.26 -16.00 -15.90
N LYS A 98 -0.59 -17.29 -15.91
CA LYS A 98 -1.94 -17.72 -16.26
C LYS A 98 -2.80 -17.62 -15.01
N TRP A 99 -4.12 -17.62 -15.18
CA TRP A 99 -5.04 -17.50 -14.05
C TRP A 99 -5.71 -18.79 -13.60
N ASN A 100 -6.11 -18.83 -12.34
CA ASN A 100 -6.85 -19.98 -11.82
C ASN A 100 -7.88 -19.48 -10.84
N ASP A 101 -9.09 -20.03 -10.90
CA ASP A 101 -10.11 -19.61 -9.96
C ASP A 101 -9.89 -20.42 -8.69
N VAL A 102 -10.00 -19.77 -7.53
CA VAL A 102 -9.78 -20.44 -6.25
C VAL A 102 -10.80 -19.97 -5.22
N PRO A 103 -10.89 -20.67 -4.08
CA PRO A 103 -11.85 -20.29 -3.02
C PRO A 103 -11.39 -18.94 -2.47
N CYS A 104 -12.33 -18.01 -2.33
CA CYS A 104 -11.99 -16.70 -1.82
C CYS A 104 -11.48 -16.75 -0.40
N SER A 105 -11.83 -17.82 0.31
CA SER A 105 -11.42 -18.01 1.69
C SER A 105 -9.99 -18.51 1.85
N ASP A 106 -9.36 -18.90 0.74
CA ASP A 106 -7.98 -19.38 0.78
C ASP A 106 -7.02 -18.19 0.80
N SER A 107 -5.79 -18.43 1.26
CA SER A 107 -4.79 -17.38 1.37
C SER A 107 -3.67 -17.38 0.33
N PHE A 108 -3.46 -16.22 -0.27
CA PHE A 108 -2.42 -16.02 -1.27
C PHE A 108 -1.85 -14.61 -1.10
N LEU A 109 -0.79 -14.30 -1.84
CA LEU A 109 -0.22 -12.97 -1.79
C LEU A 109 -1.26 -12.09 -2.49
N VAL A 110 -1.07 -10.79 -2.43
CA VAL A 110 -1.98 -9.89 -3.10
C VAL A 110 -1.17 -8.86 -3.86
N VAL A 111 -1.61 -8.50 -5.05
CA VAL A 111 -0.93 -7.45 -5.81
C VAL A 111 -1.98 -6.34 -5.83
N CYS A 112 -1.59 -5.16 -5.37
CA CYS A 112 -2.48 -4.00 -5.34
C CYS A 112 -2.18 -3.11 -6.55
N GLU A 113 -3.19 -2.38 -6.99
CA GLU A 113 -3.11 -1.49 -8.14
C GLU A 113 -3.42 -0.05 -7.74
N PHE A 114 -2.61 0.89 -8.21
CA PHE A 114 -2.81 2.31 -7.90
C PHE A 114 -2.70 3.13 -9.16
N SER A 115 -3.31 4.32 -9.14
CA SER A 115 -3.28 5.23 -10.29
C SER A 115 -2.58 6.53 -9.94
N LYS B 4 11.17 7.04 -10.29
CA LYS B 4 10.58 8.13 -9.44
C LYS B 4 9.86 7.53 -8.24
N LYS B 5 9.57 8.37 -7.25
CA LYS B 5 8.86 7.93 -6.05
C LYS B 5 7.37 8.19 -6.24
N TYR B 6 6.56 7.29 -5.73
CA TYR B 6 5.10 7.42 -5.79
C TYR B 6 4.66 7.49 -4.34
N PHE B 7 3.68 8.34 -4.04
CA PHE B 7 3.19 8.49 -2.67
C PHE B 7 1.70 8.15 -2.57
N MET B 8 1.34 7.39 -1.53
CA MET B 8 -0.05 7.01 -1.29
C MET B 8 -0.39 7.24 0.18
N SER B 9 -1.57 7.79 0.44
CA SER B 9 -2.01 8.05 1.82
C SER B 9 -2.96 6.97 2.31
N SER B 10 -2.92 6.70 3.61
CA SER B 10 -3.80 5.71 4.22
C SER B 10 -5.12 6.41 4.48
N VAL B 11 -6.14 5.61 4.84
CA VAL B 11 -7.45 6.15 5.14
C VAL B 11 -7.65 6.24 6.66
N ARG B 12 -7.07 5.29 7.39
CA ARG B 12 -7.21 5.28 8.85
C ARG B 12 -5.98 5.83 9.55
N ARG B 13 -6.13 6.18 10.83
CA ARG B 13 -5.04 6.72 11.61
C ARG B 13 -4.41 5.60 12.46
N MET B 14 -3.12 5.72 12.71
CA MET B 14 -2.41 4.69 13.46
C MET B 14 -1.07 5.21 13.97
N PRO B 15 -0.52 4.59 15.03
CA PRO B 15 0.76 5.05 15.56
C PRO B 15 1.86 4.69 14.56
N LEU B 16 3.05 5.27 14.73
CA LEU B 16 4.14 5.03 13.79
C LEU B 16 4.49 3.57 13.53
N ASN B 17 4.64 2.77 14.57
CA ASN B 17 5.00 1.36 14.36
C ASN B 17 4.02 0.65 13.44
N ARG B 18 2.75 0.98 13.56
CA ARG B 18 1.73 0.39 12.70
C ARG B 18 1.83 0.95 11.28
N ALA B 19 2.17 2.24 11.19
CA ALA B 19 2.32 2.91 9.90
C ALA B 19 3.47 2.26 9.13
N LYS B 20 4.55 1.95 9.85
CA LYS B 20 5.70 1.28 9.25
C LYS B 20 5.28 -0.10 8.74
N ALA B 21 4.54 -0.84 9.56
CA ALA B 21 4.08 -2.17 9.19
C ALA B 21 3.20 -2.15 7.93
N LEU B 22 2.36 -1.12 7.82
CA LEU B 22 1.48 -0.98 6.65
C LEU B 22 2.27 -0.74 5.37
N CYS B 23 3.16 0.24 5.39
CA CYS B 23 3.95 0.57 4.22
C CYS B 23 4.86 -0.59 3.80
N SER B 24 5.43 -1.29 4.78
CA SER B 24 6.33 -2.39 4.45
C SER B 24 5.57 -3.64 3.98
N GLU B 25 4.27 -3.70 4.26
CA GLU B 25 3.47 -4.85 3.83
C GLU B 25 3.42 -4.88 2.30
N LEU B 26 3.51 -3.71 1.69
CA LEU B 26 3.51 -3.58 0.23
C LEU B 26 4.92 -3.19 -0.25
N GLN B 27 5.90 -3.52 0.57
CA GLN B 27 7.31 -3.28 0.28
C GLN B 27 7.69 -1.83 0.04
N GLY B 28 6.99 -0.92 0.71
CA GLY B 28 7.31 0.48 0.58
C GLY B 28 7.79 0.94 1.95
N THR B 29 7.99 2.24 2.12
CA THR B 29 8.44 2.77 3.41
C THR B 29 7.57 4.00 3.75
N VAL B 30 7.65 4.50 4.98
CA VAL B 30 6.89 5.68 5.32
C VAL B 30 7.58 6.83 4.59
N ALA B 31 6.79 7.67 3.93
CA ALA B 31 7.32 8.78 3.15
C ALA B 31 8.30 9.69 3.86
N THR B 32 9.41 9.96 3.19
CA THR B 32 10.47 10.82 3.69
C THR B 32 10.81 11.81 2.59
N PRO B 33 10.28 13.04 2.66
CA PRO B 33 10.58 14.02 1.62
C PRO B 33 12.04 14.45 1.70
N ARG B 34 12.74 14.46 0.55
CA ARG B 34 14.15 14.84 0.50
C ARG B 34 14.35 16.26 -0.03
N ASN B 35 13.26 16.91 -0.42
CA ASN B 35 13.30 18.27 -0.92
C ASN B 35 11.88 18.83 -0.96
N ALA B 36 11.73 20.11 -1.27
CA ALA B 36 10.44 20.77 -1.31
C ALA B 36 9.45 20.21 -2.34
N GLU B 37 9.96 19.70 -3.46
CA GLU B 37 9.08 19.14 -4.47
C GLU B 37 8.38 17.89 -3.90
N GLU B 38 9.16 17.00 -3.30
CA GLU B 38 8.61 15.80 -2.71
C GLU B 38 7.70 16.15 -1.55
N ASN B 39 8.03 17.21 -0.81
CA ASN B 39 7.22 17.60 0.33
C ASN B 39 5.83 18.03 -0.17
N ARG B 40 5.81 18.75 -1.30
CA ARG B 40 4.55 19.19 -1.88
C ARG B 40 3.77 18.01 -2.46
N ALA B 41 4.47 17.00 -2.98
CA ALA B 41 3.83 15.82 -3.54
C ALA B 41 3.13 15.02 -2.45
N ILE B 42 3.73 15.03 -1.26
CA ILE B 42 3.14 14.31 -0.12
C ILE B 42 1.93 15.11 0.35
N GLN B 43 2.05 16.44 0.30
CA GLN B 43 0.95 17.32 0.68
C GLN B 43 -0.27 17.02 -0.21
N ASN B 44 -0.02 16.83 -1.50
CA ASN B 44 -1.10 16.55 -2.45
C ASN B 44 -1.93 15.34 -2.09
N VAL B 45 -1.31 14.31 -1.51
CA VAL B 45 -2.05 13.09 -1.19
C VAL B 45 -2.55 12.98 0.25
N ALA B 46 -1.94 13.72 1.16
CA ALA B 46 -2.37 13.69 2.57
C ALA B 46 -3.49 14.68 2.80
N LYS B 47 -4.69 14.18 3.09
CA LYS B 47 -5.84 15.07 3.32
C LYS B 47 -5.90 15.60 4.75
N ASP B 48 -5.02 15.10 5.62
CA ASP B 48 -4.97 15.54 7.01
C ASP B 48 -3.56 15.25 7.54
N VAL B 49 -3.27 15.69 8.76
CA VAL B 49 -1.95 15.48 9.35
C VAL B 49 -1.50 14.02 9.17
N ALA B 50 -0.29 13.83 8.65
CA ALA B 50 0.20 12.48 8.42
C ALA B 50 1.67 12.25 8.80
N PHE B 51 1.97 11.00 9.18
CA PHE B 51 3.32 10.60 9.56
C PHE B 51 4.31 10.58 8.39
N LEU B 52 5.55 10.98 8.67
CA LEU B 52 6.64 10.95 7.71
C LEU B 52 7.64 9.94 8.32
N GLY B 53 8.53 9.40 7.50
CA GLY B 53 9.48 8.41 7.99
C GLY B 53 10.73 9.02 8.60
N ILE B 54 10.53 9.85 9.62
CA ILE B 54 11.64 10.54 10.28
C ILE B 54 11.49 10.47 11.79
N THR B 55 12.61 10.27 12.51
CA THR B 55 12.56 10.22 13.97
C THR B 55 13.90 10.62 14.57
N ASP B 56 13.86 11.03 15.84
CA ASP B 56 15.09 11.36 16.54
C ASP B 56 15.13 10.44 17.76
N GLN B 57 14.70 9.21 17.52
CA GLN B 57 14.68 8.18 18.56
C GLN B 57 16.08 7.79 19.01
N ARG B 58 17.04 7.79 18.07
CA ARG B 58 18.42 7.42 18.41
C ARG B 58 19.02 8.45 19.36
N THR B 59 19.15 9.68 18.88
CA THR B 59 19.69 10.77 19.70
C THR B 59 18.75 11.94 19.57
N GLU B 60 18.33 12.50 20.70
CA GLU B 60 17.41 13.62 20.69
C GLU B 60 17.92 14.79 19.85
N ASN B 61 17.03 15.34 19.04
CA ASN B 61 17.31 16.47 18.15
C ASN B 61 18.21 16.14 16.95
N VAL B 62 18.41 14.85 16.69
CA VAL B 62 19.19 14.39 15.55
C VAL B 62 18.19 13.56 14.77
N PHE B 63 17.63 14.13 13.71
CA PHE B 63 16.62 13.41 12.93
C PHE B 63 17.15 12.58 11.78
N GLU B 64 16.73 11.32 11.75
CA GLU B 64 17.14 10.36 10.73
C GLU B 64 15.91 9.71 10.10
N ASP B 65 16.07 9.20 8.87
CA ASP B 65 14.95 8.52 8.24
C ASP B 65 14.83 7.15 8.91
N LEU B 66 13.81 6.38 8.57
CA LEU B 66 13.63 5.09 9.22
C LEU B 66 14.78 4.08 9.05
N THR B 67 15.70 4.35 8.13
CA THR B 67 16.84 3.46 7.94
C THR B 67 18.10 3.97 8.65
N GLY B 68 17.92 4.87 9.61
CA GLY B 68 19.04 5.42 10.36
C GLY B 68 19.92 6.39 9.59
N ASN B 69 19.40 6.94 8.50
CA ASN B 69 20.15 7.87 7.70
C ASN B 69 19.77 9.29 8.08
N ARG B 70 20.75 10.09 8.51
CA ARG B 70 20.48 11.47 8.92
C ARG B 70 19.92 12.31 7.77
N VAL B 71 18.79 12.96 8.00
CA VAL B 71 18.17 13.77 6.96
C VAL B 71 18.83 15.13 6.82
N ARG B 72 18.75 15.68 5.60
CA ARG B 72 19.30 16.98 5.30
C ARG B 72 18.16 18.01 5.25
N TYR B 73 17.25 17.83 4.30
CA TYR B 73 16.12 18.72 4.15
C TYR B 73 15.09 18.59 5.28
N THR B 74 14.67 19.72 5.83
CA THR B 74 13.66 19.74 6.88
C THR B 74 12.74 20.92 6.58
N ASN B 75 11.50 20.85 7.06
CA ASN B 75 10.53 21.92 6.81
C ASN B 75 9.70 22.15 8.07
N TRP B 76 10.39 22.25 9.20
CA TRP B 76 9.75 22.44 10.50
C TRP B 76 8.83 23.65 10.59
N ASN B 77 7.69 23.43 11.24
CA ASN B 77 6.72 24.49 11.48
C ASN B 77 7.41 25.43 12.48
N GLU B 78 7.01 26.70 12.48
CA GLU B 78 7.62 27.65 13.40
C GLU B 78 7.41 27.16 14.84
N GLY B 79 8.49 27.11 15.61
CA GLY B 79 8.40 26.67 16.99
C GLY B 79 8.72 25.19 17.17
N GLU B 80 8.95 24.51 16.04
CA GLU B 80 9.26 23.07 16.07
C GLU B 80 10.66 22.83 15.54
N PRO B 81 11.28 21.71 15.95
CA PRO B 81 10.74 20.69 16.87
C PRO B 81 10.95 21.14 18.32
N ASN B 82 9.94 20.92 19.16
CA ASN B 82 10.03 21.34 20.56
C ASN B 82 10.05 20.21 21.58
N ASN B 83 9.95 18.96 21.11
CA ASN B 83 10.00 17.79 21.99
C ASN B 83 9.19 17.98 23.28
N VAL B 84 7.91 18.35 23.14
CA VAL B 84 7.06 18.60 24.30
C VAL B 84 6.82 17.43 25.24
N GLY B 85 6.59 17.77 26.51
CA GLY B 85 6.30 16.78 27.54
C GLY B 85 7.29 15.66 27.72
N SER B 86 6.75 14.45 27.88
CA SER B 86 7.59 13.28 28.09
C SER B 86 8.34 12.89 26.82
N GLY B 87 8.16 13.67 25.76
CA GLY B 87 8.87 13.38 24.53
C GLY B 87 8.11 13.22 23.23
N GLU B 88 8.66 13.80 22.17
CA GLU B 88 8.08 13.71 20.84
C GLU B 88 9.25 13.34 19.93
N ASN B 89 9.26 12.10 19.47
CA ASN B 89 10.37 11.65 18.64
C ASN B 89 9.99 11.21 17.24
N CYS B 90 8.73 11.42 16.87
CA CYS B 90 8.28 11.09 15.52
C CYS B 90 7.90 12.39 14.83
N VAL B 91 7.65 12.33 13.53
CA VAL B 91 7.34 13.54 12.77
C VAL B 91 6.12 13.41 11.85
N VAL B 92 5.28 14.45 11.85
CA VAL B 92 4.11 14.47 10.98
C VAL B 92 4.14 15.69 10.08
N LEU B 93 3.50 15.58 8.92
CA LEU B 93 3.39 16.69 8.00
C LEU B 93 2.04 17.33 8.28
N LEU B 94 2.07 18.61 8.67
CA LEU B 94 0.83 19.35 8.98
C LEU B 94 0.09 19.66 7.67
N THR B 95 -1.14 20.15 7.76
CA THR B 95 -1.91 20.46 6.56
C THR B 95 -1.40 21.65 5.75
N ASN B 96 -0.42 22.37 6.28
CA ASN B 96 0.16 23.50 5.56
C ASN B 96 1.52 23.09 4.99
N GLY B 97 1.84 21.80 5.11
CA GLY B 97 3.12 21.31 4.59
C GLY B 97 4.28 21.36 5.57
N LYS B 98 4.14 22.12 6.64
CA LYS B 98 5.21 22.23 7.64
C LYS B 98 5.21 21.01 8.54
N TRP B 99 6.36 20.73 9.17
CA TRP B 99 6.47 19.57 10.03
C TRP B 99 6.36 19.86 11.53
N ASN B 100 5.94 18.85 12.27
CA ASN B 100 5.84 18.97 13.72
C ASN B 100 6.29 17.64 14.33
N ASP B 101 7.04 17.70 15.42
CA ASP B 101 7.43 16.46 16.07
C ASP B 101 6.31 16.06 17.03
N VAL B 102 5.99 14.77 17.07
CA VAL B 102 4.91 14.28 17.92
C VAL B 102 5.28 12.96 18.57
N PRO B 103 4.47 12.50 19.54
CA PRO B 103 4.74 11.23 20.21
C PRO B 103 4.55 10.11 19.19
N CYS B 104 5.50 9.18 19.11
CA CYS B 104 5.40 8.08 18.16
C CYS B 104 4.19 7.21 18.46
N SER B 105 3.71 7.29 19.69
CA SER B 105 2.55 6.49 20.10
C SER B 105 1.19 7.12 19.75
N ASP B 106 1.21 8.36 19.25
CA ASP B 106 -0.03 9.02 18.85
C ASP B 106 -0.40 8.57 17.44
N SER B 107 -1.69 8.62 17.12
CA SER B 107 -2.15 8.19 15.81
C SER B 107 -2.40 9.29 14.79
N PHE B 108 -1.98 9.03 13.56
CA PHE B 108 -2.16 9.95 12.45
C PHE B 108 -2.25 9.13 11.17
N LEU B 109 -2.62 9.78 10.09
CA LEU B 109 -2.67 9.10 8.80
C LEU B 109 -1.21 8.83 8.49
N VAL B 110 -0.96 7.98 7.50
CA VAL B 110 0.40 7.68 7.11
C VAL B 110 0.50 7.81 5.59
N VAL B 111 1.61 8.36 5.12
CA VAL B 111 1.81 8.45 3.69
C VAL B 111 2.96 7.47 3.43
N CYS B 112 2.73 6.53 2.53
CA CYS B 112 3.73 5.54 2.17
C CYS B 112 4.42 5.98 0.89
N GLU B 113 5.67 5.54 0.75
CA GLU B 113 6.51 5.88 -0.39
C GLU B 113 6.97 4.62 -1.11
N PHE B 114 6.90 4.64 -2.45
CA PHE B 114 7.31 3.51 -3.26
C PHE B 114 8.15 4.02 -4.43
N SER B 115 8.97 3.15 -5.00
CA SER B 115 9.81 3.49 -6.13
C SER B 115 9.83 2.35 -7.15
C1 MAN C . -6.59 -27.42 -7.27
C2 MAN C . -6.99 -25.96 -7.20
C3 MAN C . -7.95 -25.64 -8.35
C4 MAN C . -7.32 -26.02 -9.69
C5 MAN C . -6.88 -27.49 -9.66
C6 MAN C . -6.14 -27.86 -10.94
O1 MAN C . -7.71 -28.22 -7.12
O2 MAN C . -5.84 -25.15 -7.30
O3 MAN C . -8.29 -24.26 -8.36
O4 MAN C . -8.26 -25.83 -10.73
O5 MAN C . -5.99 -27.72 -8.55
O6 MAN C . -6.02 -29.27 -11.08
CA CA D . -17.05 -19.70 -9.47
CA CA E . -9.69 -23.67 -10.33
CL CL F . -15.17 -18.90 -3.34
C1 MAN G . 0.69 20.30 20.73
C2 MAN G . 1.43 19.20 19.96
C3 MAN G . 2.92 19.58 19.86
C4 MAN G . 3.06 20.95 19.20
C5 MAN G . 2.25 21.99 19.99
C6 MAN G . 2.28 23.35 19.32
O1 MAN G . 1.19 20.38 22.03
O2 MAN G . 0.86 19.05 18.68
O3 MAN G . 3.61 18.61 19.10
O4 MAN G . 4.43 21.33 19.18
O5 MAN G . 0.86 21.57 20.09
O6 MAN G . 1.75 24.35 20.17
CA CA H . 12.48 14.26 20.22
CA CA I . 6.04 19.36 18.62
#